data_4OX0
#
_entry.id   4OX0
#
_cell.length_a   123.071
_cell.length_b   143.197
_cell.length_c   48.287
_cell.angle_alpha   90.000
_cell.angle_beta   90.000
_cell.angle_gamma   90.000
#
_symmetry.space_group_name_H-M   'P 21 21 2'
#
loop_
_entity.id
_entity.type
_entity.pdbx_description
1 polymer 'Developmental protein SEPALLATA 3'
2 water water
#
_entity_poly.entity_id   1
_entity_poly.type   'polypeptide(L)'
_entity_poly.pdbx_seq_one_letter_code
;YGAPEPNVPSREALAVELSSQQEYLKLKERYDALQRTQRNLLGEDLGPLSTKELESLERQLDSSLKQIRALRTQFMLDQL
NDLQSKERMLTETNKTLRLRLADG
;
_entity_poly.pdbx_strand_id   A,B,C,D
#
# COMPACT_ATOMS: atom_id res chain seq x y z
N PRO A 9 26.98 45.05 -35.62
CA PRO A 9 26.43 43.73 -35.94
C PRO A 9 25.71 43.68 -37.30
N SER A 10 24.69 42.79 -37.46
CA SER A 10 23.91 42.61 -38.69
C SER A 10 22.40 42.49 -38.37
N ARG A 11 21.53 42.77 -39.39
CA ARG A 11 20.06 42.70 -39.26
C ARG A 11 19.57 41.26 -39.05
N GLU A 12 20.04 40.32 -39.90
CA GLU A 12 19.69 38.90 -39.81
C GLU A 12 20.21 38.31 -38.49
N ALA A 13 21.35 38.84 -37.99
CA ALA A 13 22.00 38.45 -36.74
C ALA A 13 21.19 38.93 -35.53
N LEU A 14 20.50 40.10 -35.67
CA LEU A 14 19.65 40.66 -34.62
C LEU A 14 18.42 39.77 -34.48
N ALA A 15 17.78 39.45 -35.61
CA ALA A 15 16.58 38.61 -35.73
C ALA A 15 16.76 37.21 -35.13
N VAL A 16 17.96 36.61 -35.29
CA VAL A 16 18.28 35.29 -34.73
C VAL A 16 18.51 35.39 -33.21
N GLU A 17 19.21 36.45 -32.75
CA GLU A 17 19.48 36.73 -31.34
C GLU A 17 18.17 37.04 -30.58
N LEU A 18 17.31 37.90 -31.15
CA LEU A 18 16.02 38.25 -30.54
C LEU A 18 15.01 37.09 -30.59
N SER A 19 15.21 36.14 -31.53
CA SER A 19 14.39 34.92 -31.69
C SER A 19 14.66 33.96 -30.55
N SER A 20 15.93 33.93 -30.06
CA SER A 20 16.38 33.12 -28.93
C SER A 20 15.82 33.69 -27.61
N GLN A 21 15.73 35.04 -27.53
CA GLN A 21 15.18 35.80 -26.41
C GLN A 21 13.68 35.50 -26.29
N GLN A 22 13.03 35.21 -27.44
CA GLN A 22 11.60 34.90 -27.55
C GLN A 22 11.31 33.51 -26.97
N GLU A 23 12.12 32.50 -27.36
CA GLU A 23 11.97 31.14 -26.86
C GLU A 23 12.44 30.99 -25.40
N TYR A 24 13.32 31.92 -24.96
CA TYR A 24 13.78 31.94 -23.56
C TYR A 24 12.66 32.48 -22.69
N LEU A 25 11.94 33.51 -23.17
CA LEU A 25 10.80 34.08 -22.43
C LEU A 25 9.58 33.16 -22.43
N LYS A 26 9.58 32.15 -23.32
CA LYS A 26 8.54 31.11 -23.40
C LYS A 26 8.86 30.03 -22.34
N LEU A 27 10.17 29.69 -22.21
CA LEU A 27 10.70 28.72 -21.26
C LEU A 27 10.70 29.29 -19.83
N LYS A 28 11.09 30.57 -19.65
CA LYS A 28 11.10 31.24 -18.34
C LYS A 28 9.70 31.24 -17.74
N GLU A 29 8.67 31.53 -18.57
CA GLU A 29 7.26 31.51 -18.17
C GLU A 29 6.81 30.10 -17.72
N ARG A 30 7.31 29.03 -18.39
CA ARG A 30 7.05 27.63 -18.09
C ARG A 30 7.74 27.23 -16.76
N TYR A 31 8.98 27.74 -16.56
CA TYR A 31 9.76 27.52 -15.34
C TYR A 31 9.11 28.23 -14.15
N ASP A 32 8.71 29.50 -14.32
CA ASP A 32 8.06 30.29 -13.28
C ASP A 32 6.77 29.63 -12.78
N ALA A 33 5.93 29.14 -13.73
CA ALA A 33 4.67 28.45 -13.45
C ALA A 33 4.89 27.15 -12.66
N LEU A 34 5.97 26.40 -13.01
CA LEU A 34 6.37 25.14 -12.37
C LEU A 34 6.85 25.42 -10.95
N GLN A 35 7.60 26.52 -10.78
CA GLN A 35 8.12 26.96 -9.48
C GLN A 35 6.97 27.41 -8.58
N ARG A 36 5.88 27.97 -9.16
CA ARG A 36 4.67 28.37 -8.42
C ARG A 36 3.97 27.14 -7.83
N THR A 37 3.70 26.12 -8.68
CA THR A 37 3.11 24.84 -8.30
C THR A 37 3.99 24.12 -7.26
N GLN A 38 5.30 24.27 -7.41
CA GLN A 38 6.27 23.68 -6.49
C GLN A 38 6.29 24.37 -5.15
N ARG A 39 5.96 25.67 -5.07
CA ARG A 39 5.96 26.37 -3.78
C ARG A 39 4.76 25.94 -2.95
N ASN A 40 3.62 25.67 -3.62
CA ASN A 40 2.38 25.16 -3.03
C ASN A 40 2.61 23.80 -2.38
N LEU A 41 3.22 22.82 -3.10
CA LEU A 41 3.69 21.54 -2.53
C LEU A 41 4.94 22.08 -1.87
N LEU A 42 5.24 21.76 -0.63
CA LEU A 42 6.31 22.42 0.16
C LEU A 42 5.66 23.40 1.16
N GLY A 43 4.37 23.71 0.94
CA GLY A 43 3.49 24.51 1.78
C GLY A 43 3.76 25.99 1.89
N GLU A 44 4.31 26.58 0.81
CA GLU A 44 4.67 27.99 0.75
C GLU A 44 3.78 28.78 -0.24
N ASP A 45 3.65 30.11 -0.02
CA ASP A 45 2.86 31.02 -0.86
C ASP A 45 1.42 30.49 -1.09
N LEU A 46 0.77 30.07 0.01
CA LEU A 46 -0.57 29.47 -0.02
C LEU A 46 -1.74 30.44 -0.05
N GLY A 47 -1.47 31.73 0.23
CA GLY A 47 -2.43 32.83 0.27
C GLY A 47 -3.36 32.99 -0.92
N PRO A 48 -2.85 33.06 -2.18
CA PRO A 48 -3.75 33.22 -3.34
C PRO A 48 -4.77 32.10 -3.58
N LEU A 49 -4.51 30.90 -3.03
CA LEU A 49 -5.33 29.70 -3.19
C LEU A 49 -6.70 29.74 -2.48
N SER A 50 -7.75 29.34 -3.20
CA SER A 50 -9.09 29.27 -2.64
C SER A 50 -9.15 28.08 -1.72
N THR A 51 -10.07 28.09 -0.74
CA THR A 51 -10.21 26.99 0.23
C THR A 51 -10.46 25.64 -0.42
N LYS A 52 -11.00 25.64 -1.65
CA LYS A 52 -11.24 24.43 -2.44
C LYS A 52 -9.94 23.93 -3.06
N GLU A 53 -9.12 24.87 -3.60
CA GLU A 53 -7.81 24.57 -4.15
C GLU A 53 -6.89 24.05 -3.03
N LEU A 54 -6.98 24.68 -1.85
CA LEU A 54 -6.19 24.36 -0.65
C LEU A 54 -6.53 22.99 -0.11
N GLU A 55 -7.79 22.57 -0.24
CA GLU A 55 -8.29 21.25 0.17
C GLU A 55 -7.82 20.19 -0.81
N SER A 56 -7.85 20.47 -2.13
CA SER A 56 -7.42 19.58 -3.21
C SER A 56 -5.91 19.26 -3.09
N LEU A 57 -5.10 20.28 -2.76
CA LEU A 57 -3.67 20.19 -2.55
C LEU A 57 -3.38 19.25 -1.36
N GLU A 58 -4.13 19.41 -0.27
CA GLU A 58 -4.01 18.61 0.93
C GLU A 58 -4.27 17.14 0.64
N ARG A 59 -5.30 16.85 -0.14
CA ARG A 59 -5.66 15.49 -0.52
C ARG A 59 -4.59 14.85 -1.40
N GLN A 60 -3.99 15.64 -2.30
CA GLN A 60 -2.94 15.25 -3.24
C GLN A 60 -1.68 14.90 -2.45
N LEU A 61 -1.26 15.80 -1.55
CA LEU A 61 -0.08 15.66 -0.74
C LEU A 61 -0.16 14.50 0.21
N ASP A 62 -1.34 14.26 0.81
CA ASP A 62 -1.43 13.15 1.72
C ASP A 62 -1.49 11.76 1.05
N SER A 63 -2.10 11.67 -0.13
CA SER A 63 -2.16 10.48 -0.97
C SER A 63 -0.74 10.10 -1.45
N SER A 64 0.06 11.13 -1.73
CA SER A 64 1.45 11.14 -2.15
C SER A 64 2.32 10.67 -0.97
N LEU A 65 2.11 11.21 0.24
CA LEU A 65 2.80 10.82 1.48
C LEU A 65 2.52 9.36 1.83
N LYS A 66 1.26 8.88 1.62
CA LYS A 66 0.89 7.47 1.86
C LYS A 66 1.55 6.50 0.89
N GLN A 67 1.74 6.93 -0.39
CA GLN A 67 2.40 6.17 -1.45
C GLN A 67 3.89 6.00 -1.16
N ILE A 68 4.56 7.10 -0.78
CA ILE A 68 6.00 7.15 -0.53
C ILE A 68 6.41 6.38 0.70
N ARG A 69 5.55 6.35 1.75
CA ARG A 69 5.82 5.60 2.99
C ARG A 69 5.70 4.15 2.74
N ALA A 70 4.69 3.75 1.94
CA ALA A 70 4.45 2.37 1.55
C ALA A 70 5.60 1.88 0.67
N LEU A 71 6.15 2.79 -0.16
CA LEU A 71 7.27 2.50 -1.06
C LEU A 71 8.56 2.36 -0.28
N ARG A 72 8.86 3.31 0.64
CA ARG A 72 10.06 3.19 1.47
C ARG A 72 10.06 1.88 2.30
N THR A 73 8.89 1.48 2.85
CA THR A 73 8.71 0.24 3.62
C THR A 73 8.96 -0.99 2.75
N GLN A 74 8.36 -1.02 1.54
CA GLN A 74 8.54 -2.13 0.59
C GLN A 74 9.97 -2.23 0.10
N PHE A 75 10.62 -1.10 -0.12
CA PHE A 75 12.01 -1.04 -0.55
C PHE A 75 12.90 -1.63 0.55
N MET A 76 12.64 -1.34 1.83
CA MET A 76 13.41 -1.89 2.95
C MET A 76 13.25 -3.42 3.09
N LEU A 77 12.01 -3.89 2.92
CA LEU A 77 11.65 -5.31 2.93
C LEU A 77 12.29 -6.07 1.78
N ASP A 78 12.36 -5.45 0.59
CA ASP A 78 12.98 -6.04 -0.61
C ASP A 78 14.49 -6.17 -0.39
N GLN A 79 15.13 -5.17 0.25
CA GLN A 79 16.55 -5.16 0.59
C GLN A 79 16.88 -6.27 1.60
N LEU A 80 16.00 -6.49 2.59
CA LEU A 80 16.13 -7.54 3.59
C LEU A 80 16.03 -8.92 2.91
N ASN A 81 15.06 -9.12 1.98
CA ASN A 81 14.90 -10.40 1.26
C ASN A 81 16.11 -10.71 0.38
N ASP A 82 16.68 -9.67 -0.26
CA ASP A 82 17.86 -9.74 -1.10
C ASP A 82 19.09 -10.13 -0.29
N LEU A 83 19.28 -9.54 0.92
CA LEU A 83 20.41 -9.86 1.79
C LEU A 83 20.31 -11.28 2.36
N GLN A 84 19.09 -11.76 2.67
CA GLN A 84 18.92 -13.12 3.19
C GLN A 84 19.24 -14.17 2.13
N SER A 85 18.90 -13.86 0.86
CA SER A 85 19.16 -14.68 -0.33
C SER A 85 20.68 -14.77 -0.55
N LYS A 86 21.38 -13.63 -0.44
CA LYS A 86 22.84 -13.51 -0.59
C LYS A 86 23.54 -14.32 0.51
N GLU A 87 23.02 -14.26 1.75
CA GLU A 87 23.51 -14.98 2.91
C GLU A 87 23.45 -16.49 2.68
N ARG A 88 22.29 -16.99 2.19
CA ARG A 88 22.07 -18.41 1.87
C ARG A 88 23.05 -18.90 0.79
N MET A 89 23.32 -18.04 -0.22
CA MET A 89 24.25 -18.34 -1.31
C MET A 89 25.71 -18.27 -0.84
N LEU A 90 26.05 -17.28 0.01
CA LEU A 90 27.41 -17.16 0.55
C LEU A 90 27.75 -18.26 1.54
N THR A 91 26.75 -18.75 2.30
CA THR A 91 26.92 -19.84 3.27
C THR A 91 27.13 -21.16 2.53
N GLU A 92 26.22 -21.48 1.56
CA GLU A 92 26.33 -22.69 0.74
C GLU A 92 27.59 -22.65 -0.14
N THR A 93 28.10 -21.45 -0.47
CA THR A 93 29.35 -21.23 -1.21
C THR A 93 30.53 -21.46 -0.25
N ASN A 94 30.39 -21.00 1.01
CA ASN A 94 31.42 -21.19 2.03
C ASN A 94 31.60 -22.67 2.31
N LYS A 95 30.47 -23.44 2.41
CA LYS A 95 30.43 -24.89 2.68
C LYS A 95 31.20 -25.70 1.65
N THR A 96 31.57 -25.09 0.52
CA THR A 96 32.42 -25.74 -0.47
C THR A 96 33.90 -25.76 0.02
N LEU A 97 34.12 -25.63 1.39
CA LEU A 97 35.38 -25.76 2.13
C LEU A 97 35.76 -27.18 1.80
N ARG A 98 34.73 -27.97 1.39
CA ARG A 98 34.75 -29.34 0.93
C ARG A 98 35.82 -29.49 -0.18
N LEU A 99 36.13 -28.39 -0.94
CA LEU A 99 37.22 -28.34 -1.95
C LEU A 99 38.56 -28.41 -1.18
N ARG A 100 38.75 -27.51 -0.20
CA ARG A 100 39.92 -27.40 0.69
C ARG A 100 39.93 -28.59 1.68
N LEU A 101 40.17 -29.81 1.14
CA LEU A 101 40.22 -31.09 1.85
C LEU A 101 40.93 -32.12 0.98
N PRO B 9 -26.21 -49.80 34.57
CA PRO B 9 -26.83 -48.86 33.63
C PRO B 9 -26.48 -47.38 33.92
N SER B 10 -26.68 -46.98 35.19
CA SER B 10 -26.43 -45.64 35.70
C SER B 10 -25.37 -45.66 36.83
N ARG B 11 -24.14 -46.14 36.50
CA ARG B 11 -22.93 -46.32 37.36
C ARG B 11 -22.53 -45.10 38.26
N GLU B 12 -23.30 -43.99 38.18
CA GLU B 12 -23.11 -42.67 38.80
C GLU B 12 -22.12 -41.90 37.95
N ALA B 13 -21.77 -42.50 36.78
CA ALA B 13 -20.95 -41.92 35.72
C ALA B 13 -21.86 -40.91 35.00
N LEU B 14 -23.11 -40.79 35.51
CA LEU B 14 -24.19 -39.90 35.10
C LEU B 14 -23.77 -38.46 35.38
N ALA B 15 -23.05 -38.27 36.51
CA ALA B 15 -22.49 -37.00 36.96
C ALA B 15 -21.39 -36.56 35.99
N VAL B 16 -20.68 -37.56 35.37
CA VAL B 16 -19.63 -37.36 34.34
C VAL B 16 -20.28 -36.95 33.01
N GLU B 17 -21.32 -37.69 32.56
CA GLU B 17 -22.10 -37.42 31.33
C GLU B 17 -22.76 -36.05 31.46
N LEU B 18 -23.15 -35.63 32.68
CA LEU B 18 -23.74 -34.33 32.96
C LEU B 18 -22.66 -33.24 32.84
N SER B 19 -21.52 -33.39 33.53
CA SER B 19 -20.36 -32.48 33.48
C SER B 19 -19.88 -32.27 32.04
N SER B 20 -19.84 -33.39 31.28
CA SER B 20 -19.46 -33.39 29.88
C SER B 20 -20.42 -32.52 29.09
N GLN B 21 -21.71 -32.91 29.03
CA GLN B 21 -22.75 -32.18 28.29
C GLN B 21 -22.86 -30.68 28.62
N GLN B 22 -22.39 -30.29 29.83
CA GLN B 22 -22.38 -28.88 30.24
C GLN B 22 -21.23 -28.12 29.59
N GLU B 23 -20.06 -28.78 29.41
CA GLU B 23 -18.86 -28.20 28.77
C GLU B 23 -19.05 -28.04 27.28
N TYR B 24 -19.81 -28.98 26.66
CA TYR B 24 -20.14 -28.90 25.24
C TYR B 24 -21.01 -27.66 25.05
N LEU B 25 -22.11 -27.54 25.85
CA LEU B 25 -23.04 -26.40 25.81
C LEU B 25 -22.34 -25.07 26.07
N LYS B 26 -21.48 -25.00 27.10
CA LYS B 26 -20.72 -23.78 27.41
C LYS B 26 -19.89 -23.35 26.21
N LEU B 27 -19.29 -24.33 25.48
CA LEU B 27 -18.55 -24.09 24.22
C LEU B 27 -19.52 -23.74 23.07
N LYS B 28 -20.68 -24.43 22.99
CA LYS B 28 -21.72 -24.15 21.97
C LYS B 28 -22.20 -22.70 22.09
N GLU B 29 -22.38 -22.20 23.34
CA GLU B 29 -22.76 -20.82 23.63
C GLU B 29 -21.70 -19.81 23.15
N ARG B 30 -20.41 -20.16 23.27
CA ARG B 30 -19.25 -19.38 22.84
C ARG B 30 -19.16 -19.36 21.30
N TYR B 31 -19.49 -20.52 20.67
CA TYR B 31 -19.53 -20.69 19.22
C TYR B 31 -20.67 -19.86 18.63
N ASP B 32 -21.89 -19.91 19.20
CA ASP B 32 -23.00 -19.11 18.65
C ASP B 32 -22.76 -17.61 18.78
N ALA B 33 -22.10 -17.17 19.87
CA ALA B 33 -21.76 -15.77 20.12
C ALA B 33 -20.76 -15.27 19.08
N LEU B 34 -19.84 -16.14 18.68
CA LEU B 34 -18.82 -15.89 17.66
C LEU B 34 -19.49 -15.86 16.29
N GLN B 35 -20.47 -16.76 16.06
CA GLN B 35 -21.25 -16.83 14.84
C GLN B 35 -22.11 -15.56 14.69
N ARG B 36 -22.57 -14.98 15.82
CA ARG B 36 -23.32 -13.72 15.83
C ARG B 36 -22.46 -12.55 15.32
N THR B 37 -21.26 -12.39 15.90
CA THR B 37 -20.25 -11.39 15.50
C THR B 37 -19.81 -11.58 14.04
N GLN B 38 -19.74 -12.84 13.61
CA GLN B 38 -19.41 -13.23 12.25
C GLN B 38 -20.52 -12.85 11.27
N ARG B 39 -21.79 -12.75 11.71
CA ARG B 39 -22.88 -12.35 10.82
C ARG B 39 -22.82 -10.88 10.51
N ASN B 40 -22.38 -10.04 11.47
CA ASN B 40 -22.23 -8.58 11.38
C ASN B 40 -21.13 -8.20 10.39
N LEU B 41 -19.96 -8.85 10.51
CA LEU B 41 -18.90 -8.79 9.50
C LEU B 41 -19.61 -9.69 8.47
N LEU B 42 -19.55 -9.48 7.16
CA LEU B 42 -20.37 -10.23 6.18
C LEU B 42 -21.67 -9.45 5.84
N GLY B 43 -22.00 -8.45 6.67
CA GLY B 43 -23.14 -7.55 6.49
C GLY B 43 -24.54 -8.10 6.70
N GLU B 44 -24.68 -9.08 7.60
CA GLU B 44 -25.98 -9.70 7.90
C GLU B 44 -26.38 -9.37 9.33
N ASP B 45 -27.69 -9.57 9.67
CA ASP B 45 -28.32 -9.33 10.99
C ASP B 45 -27.90 -7.99 11.59
N LEU B 46 -27.85 -6.96 10.74
CA LEU B 46 -27.42 -5.63 11.12
C LEU B 46 -28.40 -4.81 11.93
N GLY B 47 -29.69 -5.23 11.92
CA GLY B 47 -30.79 -4.57 12.61
C GLY B 47 -30.61 -4.21 14.07
N PRO B 48 -30.18 -5.13 14.97
CA PRO B 48 -30.01 -4.78 16.40
C PRO B 48 -28.97 -3.69 16.72
N LEU B 49 -28.06 -3.42 15.79
CA LEU B 49 -26.95 -2.47 15.90
C LEU B 49 -27.34 -0.99 15.83
N SER B 50 -26.73 -0.16 16.70
CA SER B 50 -26.93 1.30 16.74
C SER B 50 -26.15 1.98 15.60
N THR B 51 -26.33 3.30 15.44
CA THR B 51 -25.61 4.11 14.43
C THR B 51 -24.10 4.10 14.71
N LYS B 52 -23.74 4.25 16.00
CA LYS B 52 -22.38 4.25 16.55
C LYS B 52 -21.67 2.96 16.16
N GLU B 53 -22.34 1.81 16.44
CA GLU B 53 -21.89 0.45 16.18
C GLU B 53 -21.69 0.20 14.71
N LEU B 54 -22.67 0.58 13.86
CA LEU B 54 -22.59 0.40 12.40
C LEU B 54 -21.44 1.17 11.84
N GLU B 55 -21.24 2.41 12.32
CA GLU B 55 -20.18 3.28 11.86
C GLU B 55 -18.82 2.69 12.19
N SER B 56 -18.65 2.15 13.40
CA SER B 56 -17.42 1.51 13.89
C SER B 56 -17.07 0.27 13.07
N LEU B 57 -18.09 -0.55 12.75
CA LEU B 57 -17.98 -1.76 11.95
C LEU B 57 -17.52 -1.40 10.53
N GLU B 58 -18.09 -0.34 9.96
CA GLU B 58 -17.78 0.16 8.64
C GLU B 58 -16.31 0.58 8.56
N ARG B 59 -15.80 1.28 9.58
CA ARG B 59 -14.42 1.74 9.64
C ARG B 59 -13.45 0.56 9.73
N GLN B 60 -13.82 -0.48 10.47
CA GLN B 60 -13.08 -1.71 10.69
C GLN B 60 -12.97 -2.49 9.39
N LEU B 61 -14.12 -2.69 8.73
CA LEU B 61 -14.22 -3.46 7.48
C LEU B 61 -13.57 -2.74 6.32
N ASP B 62 -13.64 -1.41 6.29
CA ASP B 62 -12.99 -0.62 5.26
C ASP B 62 -11.48 -0.67 5.42
N SER B 63 -10.98 -0.41 6.64
CA SER B 63 -9.57 -0.44 6.99
C SER B 63 -8.92 -1.77 6.61
N SER B 64 -9.60 -2.91 6.88
CA SER B 64 -9.10 -4.24 6.53
C SER B 64 -9.20 -4.57 5.05
N LEU B 65 -10.32 -4.22 4.37
CA LEU B 65 -10.42 -4.43 2.92
C LEU B 65 -9.25 -3.76 2.20
N LYS B 66 -8.84 -2.57 2.64
CA LYS B 66 -7.67 -1.86 2.10
C LYS B 66 -6.38 -2.66 2.39
N GLN B 67 -6.22 -3.22 3.63
CA GLN B 67 -5.02 -3.98 4.00
C GLN B 67 -4.93 -5.21 3.15
N ILE B 68 -6.04 -5.94 3.00
CA ILE B 68 -6.13 -7.20 2.26
C ILE B 68 -5.81 -6.92 0.80
N ARG B 69 -6.41 -5.84 0.26
CA ARG B 69 -6.23 -5.38 -1.11
C ARG B 69 -4.73 -5.18 -1.42
N ALA B 70 -4.06 -4.41 -0.56
CA ALA B 70 -2.67 -4.01 -0.65
C ALA B 70 -1.74 -5.20 -0.49
N LEU B 71 -2.16 -6.18 0.32
CA LEU B 71 -1.40 -7.39 0.59
C LEU B 71 -1.48 -8.33 -0.60
N ARG B 72 -2.68 -8.53 -1.18
CA ARG B 72 -2.81 -9.39 -2.37
C ARG B 72 -1.95 -8.86 -3.53
N THR B 73 -1.95 -7.51 -3.72
CA THR B 73 -1.15 -6.83 -4.75
C THR B 73 0.36 -7.05 -4.52
N GLN B 74 0.83 -6.84 -3.28
CA GLN B 74 2.22 -6.98 -2.91
C GLN B 74 2.66 -8.41 -2.99
N PHE B 75 1.78 -9.35 -2.63
CA PHE B 75 2.06 -10.79 -2.73
C PHE B 75 2.27 -11.19 -4.18
N MET B 76 1.44 -10.68 -5.12
CA MET B 76 1.57 -10.97 -6.56
C MET B 76 2.87 -10.41 -7.14
N LEU B 77 3.21 -9.17 -6.73
CA LEU B 77 4.43 -8.49 -7.13
C LEU B 77 5.68 -9.21 -6.61
N ASP B 78 5.63 -9.74 -5.40
CA ASP B 78 6.74 -10.47 -4.76
C ASP B 78 6.96 -11.77 -5.51
N GLN B 79 5.88 -12.48 -5.90
CA GLN B 79 5.93 -13.72 -6.70
C GLN B 79 6.56 -13.47 -8.06
N LEU B 80 6.15 -12.37 -8.73
CA LEU B 80 6.67 -11.95 -10.03
C LEU B 80 8.16 -11.61 -9.95
N ASN B 81 8.55 -10.81 -8.93
CA ASN B 81 9.92 -10.37 -8.68
C ASN B 81 10.85 -11.51 -8.34
N ASP B 82 10.33 -12.59 -7.73
CA ASP B 82 11.02 -13.80 -7.33
C ASP B 82 11.23 -14.68 -8.55
N LEU B 83 10.20 -14.82 -9.41
CA LEU B 83 10.28 -15.61 -10.65
C LEU B 83 11.22 -15.01 -11.71
N GLN B 84 11.29 -13.68 -11.78
CA GLN B 84 12.19 -13.03 -12.75
C GLN B 84 13.64 -13.21 -12.32
N SER B 85 13.88 -13.19 -10.99
CA SER B 85 15.19 -13.38 -10.36
C SER B 85 15.67 -14.81 -10.62
N LYS B 86 14.75 -15.81 -10.48
CA LYS B 86 15.01 -17.24 -10.74
C LYS B 86 15.38 -17.46 -12.20
N GLU B 87 14.67 -16.78 -13.11
CA GLU B 87 14.87 -16.83 -14.55
C GLU B 87 16.27 -16.35 -14.91
N ARG B 88 16.68 -15.19 -14.35
CA ARG B 88 18.01 -14.59 -14.55
C ARG B 88 19.12 -15.54 -14.05
N MET B 89 18.89 -16.21 -12.91
CA MET B 89 19.85 -17.16 -12.33
C MET B 89 19.90 -18.45 -13.13
N LEU B 90 18.75 -18.96 -13.62
CA LEU B 90 18.70 -20.18 -14.44
C LEU B 90 19.29 -19.99 -15.82
N THR B 91 19.13 -18.80 -16.45
CA THR B 91 19.72 -18.54 -17.78
C THR B 91 21.24 -18.41 -17.66
N GLU B 92 21.73 -17.76 -16.58
CA GLU B 92 23.16 -17.51 -16.33
C GLU B 92 23.96 -18.72 -15.88
N THR B 93 23.36 -19.61 -15.06
CA THR B 93 24.02 -20.84 -14.59
C THR B 93 24.15 -21.85 -15.71
N ASN B 94 23.12 -21.91 -16.59
CA ASN B 94 23.07 -22.78 -17.78
C ASN B 94 24.11 -22.39 -18.81
N LYS B 95 24.36 -21.08 -18.99
CA LYS B 95 25.38 -20.64 -19.93
C LYS B 95 26.79 -21.02 -19.42
N THR B 96 26.98 -21.00 -18.09
CA THR B 96 28.21 -21.41 -17.41
C THR B 96 28.33 -22.93 -17.46
N LEU B 97 27.20 -23.66 -17.39
CA LEU B 97 27.22 -25.14 -17.49
C LEU B 97 27.60 -25.58 -18.92
N ARG B 98 27.12 -24.85 -19.97
CA ARG B 98 27.44 -25.11 -21.37
C ARG B 98 28.93 -24.87 -21.62
N LEU B 99 29.49 -23.85 -20.92
CA LEU B 99 30.92 -23.51 -20.91
C LEU B 99 31.72 -24.70 -20.34
N ARG B 100 31.18 -25.40 -19.31
CA ARG B 100 31.82 -26.56 -18.68
C ARG B 100 31.76 -27.80 -19.57
N LEU B 101 30.89 -27.77 -20.59
CA LEU B 101 30.72 -28.85 -21.56
C LEU B 101 31.35 -28.50 -22.93
N ALA B 102 31.48 -29.49 -23.84
CA ALA B 102 32.02 -29.25 -25.19
C ALA B 102 30.87 -28.72 -26.07
N ASP B 103 30.26 -27.59 -25.62
CA ASP B 103 29.11 -26.89 -26.21
C ASP B 103 29.01 -25.49 -25.59
N LEU C 14 -27.72 35.98 -42.59
CA LEU C 14 -28.66 35.14 -43.32
C LEU C 14 -29.27 34.07 -42.39
N ALA C 15 -30.19 33.24 -42.92
CA ALA C 15 -30.85 32.15 -42.21
C ALA C 15 -29.86 31.03 -41.90
N VAL C 16 -28.83 30.89 -42.76
CA VAL C 16 -27.73 29.92 -42.68
C VAL C 16 -26.73 30.25 -41.54
N GLU C 17 -26.40 31.56 -41.34
CA GLU C 17 -25.50 32.11 -40.32
C GLU C 17 -25.96 31.75 -38.91
N LEU C 18 -27.29 31.87 -38.66
CA LEU C 18 -27.95 31.56 -37.39
C LEU C 18 -27.90 30.05 -37.08
N SER C 19 -28.25 29.20 -38.07
CA SER C 19 -28.24 27.74 -37.97
C SER C 19 -26.81 27.17 -37.84
N SER C 20 -25.81 27.82 -38.51
CA SER C 20 -24.40 27.43 -38.47
C SER C 20 -23.80 27.72 -37.08
N GLN C 21 -24.28 28.79 -36.42
CA GLN C 21 -23.92 29.23 -35.07
C GLN C 21 -24.56 28.25 -34.07
N GLN C 22 -25.78 27.76 -34.41
CA GLN C 22 -26.54 26.81 -33.61
C GLN C 22 -25.80 25.49 -33.42
N GLU C 23 -25.10 24.97 -34.46
CA GLU C 23 -24.30 23.74 -34.43
C GLU C 23 -23.18 23.88 -33.39
N TYR C 24 -22.45 25.01 -33.48
CA TYR C 24 -21.31 25.33 -32.61
C TYR C 24 -21.68 25.45 -31.13
N LEU C 25 -22.75 26.23 -30.81
CA LEU C 25 -23.23 26.42 -29.43
C LEU C 25 -23.72 25.10 -28.86
N LYS C 26 -24.35 24.26 -29.70
CA LYS C 26 -24.81 22.92 -29.36
C LYS C 26 -23.61 22.03 -29.00
N LEU C 27 -22.51 22.11 -29.78
CA LEU C 27 -21.27 21.35 -29.53
C LEU C 27 -20.51 21.88 -28.30
N LYS C 28 -20.41 23.22 -28.17
CA LYS C 28 -19.74 23.88 -27.04
C LYS C 28 -20.42 23.52 -25.71
N GLU C 29 -21.77 23.50 -25.66
CA GLU C 29 -22.48 23.11 -24.43
C GLU C 29 -22.30 21.62 -24.13
N ARG C 30 -22.20 20.78 -25.18
CA ARG C 30 -21.96 19.35 -25.05
C ARG C 30 -20.53 19.13 -24.48
N TYR C 31 -19.55 19.97 -24.90
CA TYR C 31 -18.17 19.94 -24.41
C TYR C 31 -18.12 20.40 -22.94
N ASP C 32 -18.75 21.56 -22.66
CA ASP C 32 -18.82 22.17 -21.32
C ASP C 32 -19.46 21.22 -20.28
N ALA C 33 -20.55 20.51 -20.68
CA ALA C 33 -21.29 19.54 -19.89
C ALA C 33 -20.45 18.29 -19.60
N LEU C 34 -19.64 17.83 -20.60
CA LEU C 34 -18.74 16.68 -20.50
C LEU C 34 -17.60 17.01 -19.55
N GLN C 35 -17.08 18.26 -19.63
CA GLN C 35 -16.03 18.74 -18.76
C GLN C 35 -16.53 18.81 -17.30
N ARG C 36 -17.83 19.14 -17.11
CA ARG C 36 -18.48 19.17 -15.79
C ARG C 36 -18.51 17.78 -15.18
N THR C 37 -19.02 16.76 -15.94
CA THR C 37 -19.08 15.34 -15.56
C THR C 37 -17.70 14.82 -15.26
N GLN C 38 -16.69 15.27 -16.03
CA GLN C 38 -15.30 14.88 -15.84
C GLN C 38 -14.71 15.43 -14.56
N ARG C 39 -15.12 16.64 -14.14
CA ARG C 39 -14.62 17.26 -12.90
C ARG C 39 -15.20 16.56 -11.67
N ASN C 40 -16.46 16.08 -11.77
CA ASN C 40 -17.22 15.36 -10.76
C ASN C 40 -16.57 14.03 -10.39
N LEU C 41 -16.30 13.18 -11.41
CA LEU C 41 -15.43 11.99 -11.29
C LEU C 41 -14.13 12.78 -11.14
N LEU C 42 -13.19 12.43 -10.27
CA LEU C 42 -11.98 13.27 -10.00
C LEU C 42 -12.20 14.13 -8.75
N GLY C 43 -13.47 14.20 -8.31
CA GLY C 43 -13.93 14.82 -7.07
C GLY C 43 -13.86 16.32 -6.94
N GLU C 44 -14.01 17.03 -8.07
CA GLU C 44 -13.95 18.49 -8.12
C GLU C 44 -15.31 19.10 -8.48
N ASP C 45 -15.55 20.36 -8.02
CA ASP C 45 -16.78 21.15 -8.25
C ASP C 45 -18.05 20.37 -7.84
N LEU C 46 -18.01 19.73 -6.66
CA LEU C 46 -19.09 18.88 -6.16
C LEU C 46 -20.26 19.54 -5.47
N GLY C 47 -20.08 20.80 -5.06
CA GLY C 47 -21.09 21.61 -4.36
C GLY C 47 -22.50 21.68 -4.95
N PRO C 48 -22.67 22.01 -6.24
CA PRO C 48 -24.04 22.10 -6.80
C PRO C 48 -24.85 20.80 -6.82
N LEU C 49 -24.17 19.64 -6.69
CA LEU C 49 -24.72 18.29 -6.80
C LEU C 49 -25.61 17.85 -5.64
N SER C 50 -26.71 17.13 -5.97
CA SER C 50 -27.68 16.55 -5.03
C SER C 50 -27.15 15.22 -4.49
N THR C 51 -27.87 14.63 -3.50
CA THR C 51 -27.52 13.33 -2.92
C THR C 51 -27.60 12.24 -3.98
N LYS C 52 -28.67 12.28 -4.82
CA LYS C 52 -28.95 11.36 -5.92
C LYS C 52 -27.75 11.35 -6.88
N GLU C 53 -27.31 12.56 -7.32
CA GLU C 53 -26.19 12.78 -8.23
C GLU C 53 -24.85 12.27 -7.67
N LEU C 54 -24.56 12.57 -6.39
CA LEU C 54 -23.34 12.10 -5.73
C LEU C 54 -23.35 10.57 -5.61
N GLU C 55 -24.51 9.98 -5.32
CA GLU C 55 -24.70 8.53 -5.20
C GLU C 55 -24.45 7.86 -6.57
N SER C 56 -24.91 8.47 -7.66
CA SER C 56 -24.74 7.98 -9.03
C SER C 56 -23.25 7.94 -9.41
N LEU C 57 -22.50 9.00 -9.03
CA LEU C 57 -21.05 9.15 -9.24
C LEU C 57 -20.32 8.04 -8.50
N GLU C 58 -20.74 7.75 -7.25
CA GLU C 58 -20.18 6.71 -6.38
C GLU C 58 -20.32 5.33 -7.01
N ARG C 59 -21.48 5.06 -7.61
CA ARG C 59 -21.77 3.78 -8.28
C ARG C 59 -20.91 3.59 -9.50
N GLN C 60 -20.69 4.68 -10.25
CA GLN C 60 -19.89 4.76 -11.48
C GLN C 60 -18.42 4.51 -11.15
N LEU C 61 -17.90 5.20 -10.14
CA LEU C 61 -16.51 5.09 -9.69
C LEU C 61 -16.19 3.72 -9.14
N ASP C 62 -17.15 3.11 -8.45
CA ASP C 62 -16.96 1.78 -7.89
C ASP C 62 -16.86 0.75 -9.04
N SER C 63 -17.68 0.93 -10.08
CA SER C 63 -17.72 0.07 -11.26
C SER C 63 -16.43 0.23 -12.06
N SER C 64 -15.96 1.48 -12.12
CA SER C 64 -14.75 1.89 -12.83
C SER C 64 -13.52 1.20 -12.18
N LEU C 65 -13.40 1.30 -10.85
CA LEU C 65 -12.33 0.70 -10.02
C LEU C 65 -12.30 -0.84 -10.06
N LYS C 66 -13.45 -1.47 -10.19
CA LYS C 66 -13.61 -2.92 -10.33
C LYS C 66 -12.97 -3.37 -11.66
N GLN C 67 -13.17 -2.61 -12.74
CA GLN C 67 -12.62 -2.94 -14.07
C GLN C 67 -11.10 -2.78 -14.15
N ILE C 68 -10.57 -1.71 -13.52
CA ILE C 68 -9.14 -1.41 -13.45
C ILE C 68 -8.46 -2.47 -12.65
N ARG C 69 -9.00 -2.79 -11.48
CA ARG C 69 -8.49 -3.85 -10.61
C ARG C 69 -8.50 -5.22 -11.29
N ALA C 70 -9.62 -5.58 -11.96
CA ALA C 70 -9.72 -6.84 -12.68
C ALA C 70 -8.66 -6.93 -13.77
N LEU C 71 -8.30 -5.79 -14.39
CA LEU C 71 -7.29 -5.71 -15.42
C LEU C 71 -5.88 -5.86 -14.85
N ARG C 72 -5.59 -5.12 -13.76
CA ARG C 72 -4.29 -5.23 -13.08
C ARG C 72 -4.05 -6.68 -12.60
N THR C 73 -5.09 -7.34 -12.05
CA THR C 73 -5.04 -8.72 -11.58
C THR C 73 -4.78 -9.70 -12.74
N GLN C 74 -5.51 -9.55 -13.86
CA GLN C 74 -5.35 -10.41 -15.03
C GLN C 74 -3.96 -10.25 -15.65
N PHE C 75 -3.46 -9.02 -15.68
CA PHE C 75 -2.12 -8.73 -16.19
C PHE C 75 -1.06 -9.45 -15.35
N MET C 76 -1.19 -9.37 -13.99
CA MET C 76 -0.26 -9.97 -13.02
CA MET C 76 -0.24 -9.99 -13.08
C MET C 76 -0.25 -11.49 -13.18
N LEU C 77 -1.44 -12.09 -13.22
CA LEU C 77 -1.49 -13.54 -13.35
C LEU C 77 -1.11 -14.10 -14.70
N ASP C 78 -1.23 -13.30 -15.79
CA ASP C 78 -0.74 -13.70 -17.12
C ASP C 78 0.81 -13.73 -17.11
N GLN C 79 1.43 -12.73 -16.44
CA GLN C 79 2.87 -12.61 -16.29
C GLN C 79 3.41 -13.75 -15.46
N LEU C 80 2.69 -14.12 -14.39
CA LEU C 80 3.05 -15.23 -13.50
C LEU C 80 2.99 -16.56 -14.25
N ASN C 81 1.95 -16.80 -15.08
CA ASN C 81 1.84 -18.05 -15.86
C ASN C 81 2.98 -18.19 -16.88
N ASP C 82 3.35 -17.06 -17.50
CA ASP C 82 4.43 -16.97 -18.48
C ASP C 82 5.79 -17.29 -17.83
N LEU C 83 6.06 -16.69 -16.65
CA LEU C 83 7.30 -16.93 -15.93
C LEU C 83 7.42 -18.33 -15.37
N GLN C 84 6.29 -18.95 -14.93
CA GLN C 84 6.32 -20.31 -14.41
C GLN C 84 6.64 -21.31 -15.50
N SER C 85 6.16 -21.03 -16.74
CA SER C 85 6.40 -21.84 -17.94
C SER C 85 7.88 -21.79 -18.30
N LYS C 86 8.48 -20.57 -18.25
CA LYS C 86 9.90 -20.32 -18.52
C LYS C 86 10.78 -21.05 -17.50
N GLU C 87 10.36 -21.03 -16.22
CA GLU C 87 11.02 -21.67 -15.09
C GLU C 87 11.07 -23.18 -15.30
N ARG C 88 9.94 -23.80 -15.70
CA ARG C 88 9.82 -25.24 -15.98
C ARG C 88 10.75 -25.65 -17.13
N MET C 89 10.87 -24.79 -18.16
CA MET C 89 11.74 -25.03 -19.30
C MET C 89 13.22 -24.84 -18.93
N LEU C 90 13.55 -23.83 -18.11
CA LEU C 90 14.92 -23.58 -17.65
C LEU C 90 15.43 -24.63 -16.65
N THR C 91 14.57 -25.08 -15.70
CA THR C 91 14.92 -26.09 -14.68
C THR C 91 15.23 -27.43 -15.31
N GLU C 92 14.44 -27.85 -16.33
CA GLU C 92 14.68 -29.12 -17.04
C GLU C 92 15.97 -29.06 -17.87
N THR C 93 16.25 -27.89 -18.50
CA THR C 93 17.47 -27.64 -19.28
C THR C 93 18.67 -27.72 -18.33
N ASN C 94 18.52 -27.18 -17.11
CA ASN C 94 19.54 -27.19 -16.07
C ASN C 94 19.79 -28.62 -15.61
N LYS C 95 18.70 -29.41 -15.43
CA LYS C 95 18.75 -30.82 -15.04
C LYS C 95 19.51 -31.64 -16.09
N THR C 96 19.10 -31.53 -17.39
CA THR C 96 19.73 -32.22 -18.52
C THR C 96 21.21 -31.84 -18.76
N LEU C 97 21.63 -30.63 -18.32
CA LEU C 97 23.01 -30.14 -18.42
C LEU C 97 23.91 -30.75 -17.33
N ARG C 98 23.42 -30.76 -16.06
CA ARG C 98 24.14 -31.29 -14.89
C ARG C 98 24.35 -32.81 -15.01
N LEU C 99 23.39 -33.52 -15.65
CA LEU C 99 23.42 -34.96 -15.93
C LEU C 99 24.50 -35.21 -16.98
N ARG C 100 24.59 -34.33 -18.02
CA ARG C 100 25.58 -34.37 -19.11
C ARG C 100 27.00 -34.27 -18.54
N LEU C 101 27.18 -33.43 -17.51
CA LEU C 101 28.44 -33.17 -16.80
C LEU C 101 28.82 -34.33 -15.85
N ALA C 102 27.84 -34.92 -15.16
CA ALA C 102 28.04 -36.02 -14.20
C ALA C 102 28.44 -37.35 -14.85
N ASP C 103 27.88 -37.68 -16.04
CA ASP C 103 28.19 -38.92 -16.74
C ASP C 103 29.32 -38.78 -17.80
N GLY C 104 29.43 -37.58 -18.36
CA GLY C 104 30.43 -37.25 -19.38
C GLY C 104 29.90 -37.38 -20.80
N SER D 19 -9.34 3.30 55.87
CA SER D 19 -9.67 3.92 54.59
C SER D 19 -9.41 2.95 53.41
N SER D 20 -10.05 1.76 53.45
CA SER D 20 -9.92 0.73 52.41
C SER D 20 -11.11 0.74 51.43
N GLN D 21 -12.34 1.01 51.95
CA GLN D 21 -13.58 1.07 51.16
C GLN D 21 -13.56 2.21 50.12
N GLN D 22 -13.19 3.45 50.55
CA GLN D 22 -13.12 4.65 49.72
C GLN D 22 -11.95 4.60 48.73
N GLU D 23 -10.90 3.82 49.07
CA GLU D 23 -9.70 3.63 48.25
C GLU D 23 -10.01 2.95 46.90
N TYR D 24 -11.14 2.20 46.84
CA TYR D 24 -11.67 1.51 45.66
C TYR D 24 -12.35 2.54 44.76
N LEU D 25 -13.17 3.44 45.36
CA LEU D 25 -13.87 4.49 44.62
C LEU D 25 -12.90 5.42 43.90
N LYS D 26 -11.78 5.80 44.59
CA LYS D 26 -10.69 6.62 44.06
C LYS D 26 -10.07 5.93 42.83
N LEU D 27 -9.84 4.60 42.92
CA LEU D 27 -9.30 3.83 41.82
C LEU D 27 -10.30 3.68 40.68
N LYS D 28 -11.59 3.41 41.00
CA LYS D 28 -12.67 3.28 40.00
C LYS D 28 -12.81 4.57 39.20
N GLU D 29 -12.72 5.73 39.88
CA GLU D 29 -12.80 7.08 39.27
C GLU D 29 -11.63 7.29 38.29
N ARG D 30 -10.42 6.81 38.66
CA ARG D 30 -9.18 6.88 37.88
C ARG D 30 -9.29 5.96 36.66
N TYR D 31 -9.90 4.76 36.85
CA TYR D 31 -10.10 3.76 35.79
C TYR D 31 -11.11 4.31 34.76
N ASP D 32 -12.25 4.86 35.25
CA ASP D 32 -13.30 5.42 34.39
C ASP D 32 -12.79 6.54 33.49
N ALA D 33 -12.00 7.47 34.08
CA ALA D 33 -11.38 8.61 33.40
C ALA D 33 -10.36 8.17 32.34
N LEU D 34 -9.58 7.10 32.64
CA LEU D 34 -8.57 6.51 31.75
C LEU D 34 -9.26 5.84 30.59
N GLN D 35 -10.39 5.16 30.85
CA GLN D 35 -11.17 4.49 29.82
C GLN D 35 -11.77 5.51 28.86
N ARG D 36 -12.13 6.71 29.38
CA ARG D 36 -12.65 7.82 28.58
C ARG D 36 -11.59 8.33 27.59
N THR D 37 -10.37 8.64 28.10
CA THR D 37 -9.21 9.09 27.33
C THR D 37 -8.83 8.03 26.30
N GLN D 38 -8.93 6.74 26.68
CA GLN D 38 -8.63 5.62 25.81
C GLN D 38 -9.62 5.48 24.66
N ARG D 39 -10.89 5.81 24.89
CA ARG D 39 -11.91 5.72 23.84
C ARG D 39 -11.72 6.82 22.79
N ASN D 40 -11.30 8.02 23.25
CA ASN D 40 -11.01 9.23 22.48
C ASN D 40 -9.92 8.96 21.44
N LEU D 41 -8.71 8.50 21.88
CA LEU D 41 -7.64 7.96 21.03
C LEU D 41 -8.39 6.69 20.63
N LEU D 42 -8.35 6.20 19.39
CA LEU D 42 -9.19 5.06 18.93
C LEU D 42 -10.46 5.58 18.24
N GLY D 43 -10.72 6.88 18.40
CA GLY D 43 -11.77 7.63 17.73
C GLY D 43 -13.22 7.36 18.11
N GLU D 44 -13.45 6.99 19.38
CA GLU D 44 -14.77 6.67 19.89
C GLU D 44 -15.22 7.68 20.94
N ASP D 45 -16.57 7.87 21.08
CA ASP D 45 -17.23 8.79 22.03
C ASP D 45 -16.68 10.23 21.91
N LEU D 46 -16.57 10.72 20.68
CA LEU D 46 -15.96 12.02 20.41
C LEU D 46 -16.84 13.24 20.54
N GLY D 47 -18.16 13.05 20.51
CA GLY D 47 -19.17 14.11 20.57
C GLY D 47 -19.05 15.15 21.67
N PRO D 48 -18.90 14.75 22.97
CA PRO D 48 -18.81 15.77 24.05
C PRO D 48 -17.61 16.73 23.99
N LEU D 49 -16.56 16.37 23.19
CA LEU D 49 -15.29 17.07 23.07
C LEU D 49 -15.33 18.37 22.28
N SER D 50 -14.58 19.38 22.77
CA SER D 50 -14.41 20.69 22.13
C SER D 50 -13.36 20.63 21.01
N THR D 51 -13.19 21.73 20.25
CA THR D 51 -12.19 21.84 19.19
C THR D 51 -10.78 21.73 19.77
N LYS D 52 -10.54 22.38 20.91
CA LYS D 52 -9.29 22.42 21.67
C LYS D 52 -8.89 20.99 22.03
N GLU D 53 -9.83 20.22 22.60
CA GLU D 53 -9.67 18.82 23.03
C GLU D 53 -9.36 17.89 21.85
N LEU D 54 -10.12 18.03 20.72
CA LEU D 54 -9.88 17.22 19.53
C LEU D 54 -8.51 17.53 18.92
N GLU D 55 -8.10 18.80 18.94
CA GLU D 55 -6.80 19.27 18.45
C GLU D 55 -5.67 18.67 19.29
N SER D 56 -5.83 18.60 20.62
CA SER D 56 -4.86 18.01 21.56
C SER D 56 -4.66 16.51 21.28
N LEU D 57 -5.76 15.77 21.00
CA LEU D 57 -5.80 14.36 20.63
C LEU D 57 -5.00 14.15 19.33
N GLU D 58 -5.20 15.05 18.34
CA GLU D 58 -4.54 15.02 17.04
C GLU D 58 -3.03 15.16 17.20
N ARG D 59 -2.59 16.07 18.07
CA ARG D 59 -1.18 16.31 18.33
C ARG D 59 -0.53 15.10 18.97
N GLN D 60 -1.26 14.44 19.91
CA GLN D 60 -0.76 13.26 20.60
CA GLN D 60 -0.79 13.24 20.62
C GLN D 60 -0.69 12.05 19.67
N LEU D 61 -1.73 11.82 18.84
CA LEU D 61 -1.76 10.74 17.86
C LEU D 61 -0.69 10.90 16.80
N ASP D 62 -0.43 12.14 16.37
CA ASP D 62 0.59 12.43 15.36
C ASP D 62 1.98 12.12 15.94
N SER D 63 2.20 12.43 17.23
CA SER D 63 3.44 12.21 17.96
C SER D 63 3.65 10.71 18.21
N SER D 64 2.56 10.01 18.51
CA SER D 64 2.43 8.58 18.75
C SER D 64 2.82 7.82 17.46
N LEU D 65 2.30 8.24 16.29
CA LEU D 65 2.59 7.65 14.98
C LEU D 65 4.05 7.87 14.52
N LYS D 66 4.63 9.02 14.85
CA LYS D 66 6.02 9.23 14.50
C LYS D 66 6.96 8.31 15.32
N GLN D 67 6.63 8.00 16.59
CA GLN D 67 7.42 7.10 17.45
C GLN D 67 7.34 5.63 17.00
N ILE D 68 6.15 5.21 16.55
CA ILE D 68 5.92 3.87 16.03
C ILE D 68 6.69 3.72 14.74
N ARG D 69 6.52 4.68 13.84
CA ARG D 69 7.23 4.66 12.56
C ARG D 69 8.75 4.75 12.72
N ALA D 70 9.28 5.53 13.68
CA ALA D 70 10.72 5.63 13.98
C ALA D 70 11.23 4.30 14.50
N LEU D 71 10.39 3.54 15.24
CA LEU D 71 10.73 2.21 15.75
C LEU D 71 10.76 1.18 14.64
N ARG D 72 9.73 1.13 13.80
CA ARG D 72 9.68 0.22 12.64
C ARG D 72 10.92 0.44 11.73
N THR D 73 11.29 1.72 11.47
CA THR D 73 12.44 2.10 10.65
C THR D 73 13.76 1.65 11.31
N GLN D 74 13.93 1.89 12.63
CA GLN D 74 15.14 1.52 13.35
C GLN D 74 15.31 0.02 13.42
N PHE D 75 14.20 -0.72 13.60
CA PHE D 75 14.18 -2.18 13.60
C PHE D 75 14.68 -2.71 12.24
N MET D 76 14.20 -2.12 11.11
CA MET D 76 14.61 -2.52 9.76
C MET D 76 16.07 -2.24 9.50
N LEU D 77 16.55 -1.06 9.92
CA LEU D 77 17.93 -0.63 9.80
C LEU D 77 18.87 -1.50 10.58
N ASP D 78 18.46 -1.94 11.78
CA ASP D 78 19.28 -2.81 12.63
C ASP D 78 19.44 -4.20 11.98
N GLN D 79 18.34 -4.73 11.41
CA GLN D 79 18.31 -6.01 10.70
C GLN D 79 19.21 -5.97 9.45
N LEU D 80 19.13 -4.87 8.71
CA LEU D 80 19.90 -4.62 7.50
C LEU D 80 21.39 -4.52 7.83
N ASN D 81 21.77 -3.78 8.92
CA ASN D 81 23.17 -3.66 9.33
C ASN D 81 23.75 -5.01 9.74
N ASP D 82 22.94 -5.84 10.42
CA ASP D 82 23.32 -7.17 10.87
C ASP D 82 23.61 -8.09 9.67
N LEU D 83 22.71 -8.08 8.64
CA LEU D 83 22.89 -8.90 7.46
C LEU D 83 24.05 -8.47 6.58
N GLN D 84 24.29 -7.14 6.47
CA GLN D 84 25.42 -6.61 5.69
C GLN D 84 26.76 -6.98 6.32
N SER D 85 26.80 -7.03 7.67
CA SER D 85 27.96 -7.40 8.48
C SER D 85 28.27 -8.88 8.24
N LYS D 86 27.22 -9.74 8.20
CA LYS D 86 27.35 -11.19 7.94
C LYS D 86 27.91 -11.43 6.52
N GLU D 87 27.41 -10.64 5.55
CA GLU D 87 27.82 -10.66 4.15
C GLU D 87 29.32 -10.31 4.00
N ARG D 88 29.76 -9.24 4.68
CA ARG D 88 31.14 -8.74 4.73
C ARG D 88 32.08 -9.82 5.34
N MET D 89 31.61 -10.54 6.38
CA MET D 89 32.36 -11.61 7.03
C MET D 89 32.42 -12.85 6.14
N LEU D 90 31.30 -13.19 5.45
CA LEU D 90 31.26 -14.36 4.56
C LEU D 90 32.10 -14.18 3.28
N THR D 91 32.05 -12.97 2.66
CA THR D 91 32.78 -12.62 1.43
C THR D 91 34.31 -12.71 1.61
N GLU D 92 34.82 -12.15 2.73
CA GLU D 92 36.23 -12.12 3.13
C GLU D 92 36.75 -13.51 3.50
N THR D 93 35.85 -14.40 4.00
CA THR D 93 36.19 -15.79 4.36
C THR D 93 36.31 -16.63 3.07
N ASN D 94 35.38 -16.41 2.11
CA ASN D 94 35.34 -17.08 0.81
C ASN D 94 36.56 -16.73 -0.04
N LYS D 95 37.02 -15.45 0.02
CA LYS D 95 38.21 -14.98 -0.70
C LYS D 95 39.47 -15.72 -0.24
N THR D 96 39.61 -15.98 1.10
CA THR D 96 40.74 -16.73 1.66
C THR D 96 40.67 -18.20 1.21
N LEU D 97 39.45 -18.78 1.18
CA LEU D 97 39.17 -20.16 0.72
C LEU D 97 39.62 -20.27 -0.76
N ARG D 98 39.22 -19.27 -1.58
CA ARG D 98 39.54 -19.15 -3.01
C ARG D 98 41.04 -18.98 -3.30
N LEU D 99 41.70 -17.95 -2.72
CA LEU D 99 43.14 -17.73 -2.92
C LEU D 99 44.04 -18.81 -2.32
N ARG D 100 43.59 -19.52 -1.27
CA ARG D 100 44.35 -20.65 -0.70
C ARG D 100 44.01 -21.93 -1.49
N LEU D 101 42.97 -21.84 -2.36
CA LEU D 101 42.49 -22.84 -3.31
C LEU D 101 41.91 -24.10 -2.66
#